data_8P3N
#
_entry.id   8P3N
#
_cell.length_a   40.978
_cell.length_b   59.021
_cell.length_c   66.526
_cell.angle_alpha   90.000
_cell.angle_beta   97.318
_cell.angle_gamma   90.000
#
_symmetry.space_group_name_H-M   'P 1 21 1'
#
loop_
_entity.id
_entity.type
_entity.pdbx_description
1 polymer 'Chemotaxis protein CheA'
2 non-polymer 9-METHYL-9H-PURIN-6-AMINE
3 water water
#
_entity_poly.entity_id   1
_entity_poly.type   'polypeptide(L)'
_entity_poly.pdbx_seq_one_letter_code
;GSHMVPISFVFNRFPRMVRDLAKKMNKEVNFIMRGEDTELDRTFVEEIGEPLLHLLRNAIDHGIEPKEERIAKGKPPIGT
LILSARHEGNNVVIEVEDDGRGIDKEKIIRKAIEKGLIDESKAATLSDQEILNFLFVPGFSTKEKVSEVSGRGVGMDVVK
NVVESLNGSISIESEKDKGTKVTIRLPLT
;
_entity_poly.pdbx_strand_id   B,A
#
loop_
_chem_comp.id
_chem_comp.type
_chem_comp.name
_chem_comp.formula
ADZ non-polymer 9-METHYL-9H-PURIN-6-AMINE 'C6 H7 N5'
#
# COMPACT_ATOMS: atom_id res chain seq x y z
N VAL A 5 -1.10 22.60 20.63
CA VAL A 5 0.22 22.39 21.27
C VAL A 5 1.26 22.20 20.18
N PRO A 6 2.41 22.94 20.16
CA PRO A 6 3.45 22.56 19.23
C PRO A 6 4.04 21.19 19.65
N ILE A 7 4.37 20.37 18.67
CA ILE A 7 4.88 19.04 18.93
C ILE A 7 6.32 19.09 19.46
N SER A 8 6.96 20.26 19.36
CA SER A 8 8.24 20.53 19.99
C SER A 8 8.25 20.20 21.49
N PHE A 9 7.08 20.26 22.18
CA PHE A 9 7.03 19.86 23.59
C PHE A 9 7.48 18.40 23.76
N VAL A 10 7.22 17.54 22.77
CA VAL A 10 7.84 16.22 22.74
C VAL A 10 9.17 16.21 21.98
N PHE A 11 9.25 16.77 20.77
CA PHE A 11 10.43 16.53 19.95
C PHE A 11 11.70 16.98 20.70
N ASN A 12 11.60 18.05 21.48
CA ASN A 12 12.78 18.66 22.08
C ASN A 12 13.43 17.76 23.12
N ARG A 13 12.73 16.75 23.61
CA ARG A 13 13.38 15.82 24.52
C ARG A 13 14.20 14.77 23.77
N PHE A 14 14.07 14.63 22.44
CA PHE A 14 14.65 13.47 21.79
C PHE A 14 16.16 13.60 21.53
N PRO A 15 16.74 14.76 21.16
CA PRO A 15 18.13 14.70 20.68
C PRO A 15 19.07 14.07 21.68
N ARG A 16 18.91 14.40 22.96
CA ARG A 16 19.78 13.81 23.98
C ARG A 16 19.57 12.30 24.11
N MET A 17 18.33 11.87 24.05
CA MET A 17 18.01 10.44 24.20
C MET A 17 18.57 9.67 23.03
N VAL A 18 18.47 10.26 21.81
CA VAL A 18 19.00 9.60 20.65
C VAL A 18 20.53 9.50 20.79
N ARG A 19 21.18 10.58 21.15
CA ARG A 19 22.64 10.56 21.14
C ARG A 19 23.19 9.68 22.28
N ASP A 20 22.44 9.60 23.41
CA ASP A 20 22.73 8.63 24.46
C ASP A 20 22.69 7.20 23.93
N LEU A 21 21.59 6.88 23.24
CA LEU A 21 21.38 5.51 22.74
C LEU A 21 22.43 5.17 21.70
N ALA A 22 22.70 6.14 20.79
CA ALA A 22 23.69 5.89 19.74
C ALA A 22 25.06 5.58 20.34
N LYS A 23 25.49 6.36 21.32
CA LYS A 23 26.79 6.14 21.95
C LYS A 23 26.83 4.79 22.69
N LYS A 24 25.77 4.45 23.44
CA LYS A 24 25.69 3.17 24.10
C LYS A 24 25.79 2.02 23.10
N MET A 25 25.17 2.16 21.93
CA MET A 25 25.08 1.06 20.99
C MET A 25 26.19 1.12 19.95
N ASN A 26 27.14 2.02 20.16
CA ASN A 26 28.32 2.23 19.33
C ASN A 26 27.99 2.59 17.86
N LYS A 27 27.12 3.60 17.66
CA LYS A 27 26.78 4.08 16.34
C LYS A 27 26.91 5.58 16.23
N GLU A 28 27.19 6.04 15.01
CA GLU A 28 27.35 7.43 14.70
C GLU A 28 26.08 7.86 13.98
N VAL A 29 25.30 8.71 14.62
CA VAL A 29 23.97 9.08 14.10
C VAL A 29 23.84 10.58 14.01
N ASN A 30 23.52 11.06 12.81
CA ASN A 30 23.09 12.40 12.57
C ASN A 30 21.56 12.44 12.68
N PHE A 31 21.07 12.99 13.75
CA PHE A 31 19.66 13.06 14.07
C PHE A 31 19.14 14.41 13.64
N ILE A 32 18.14 14.38 12.77
CA ILE A 32 17.59 15.60 12.17
C ILE A 32 16.13 15.69 12.59
N MET A 33 15.68 16.85 13.09
CA MET A 33 14.26 17.02 13.34
C MET A 33 13.71 18.12 12.43
N ARG A 34 12.52 17.89 11.90
CA ARG A 34 11.90 18.84 10.98
C ARG A 34 10.45 19.06 11.39
N GLY A 35 9.94 20.28 11.19
CA GLY A 35 8.58 20.58 11.52
C GLY A 35 8.24 20.54 13.01
N GLU A 36 9.18 20.83 13.90
CA GLU A 36 8.90 20.73 15.34
C GLU A 36 7.86 21.80 15.78
N ASP A 37 7.57 22.81 14.95
CA ASP A 37 6.58 23.82 15.33
C ASP A 37 5.15 23.39 15.01
N THR A 38 5.00 22.25 14.35
CA THR A 38 3.70 21.72 13.93
C THR A 38 2.80 21.59 15.14
N GLU A 39 1.60 22.21 15.06
CA GLU A 39 0.70 22.24 16.18
C GLU A 39 -0.40 21.23 15.97
N LEU A 40 -0.74 20.53 17.05
CA LEU A 40 -1.94 19.71 17.03
C LEU A 40 -2.48 19.61 18.46
N ASP A 41 -3.58 18.90 18.62
CA ASP A 41 -4.27 18.77 19.91
C ASP A 41 -3.30 18.22 20.95
N ARG A 42 -3.22 18.85 22.12
CA ARG A 42 -2.27 18.47 23.15
C ARG A 42 -2.47 17.02 23.60
N THR A 43 -3.67 16.45 23.49
CA THR A 43 -3.87 15.04 23.78
C THR A 43 -2.91 14.21 22.94
N PHE A 44 -2.78 14.60 21.65
CA PHE A 44 -1.95 13.85 20.74
C PHE A 44 -0.51 14.04 21.16
N VAL A 45 -0.13 15.28 21.46
CA VAL A 45 1.25 15.57 21.79
C VAL A 45 1.70 14.67 22.95
N GLU A 46 0.83 14.56 23.95
CA GLU A 46 1.04 13.87 25.20
C GLU A 46 1.17 12.37 24.92
N GLU A 47 0.30 11.82 24.10
CA GLU A 47 0.32 10.38 23.95
C GLU A 47 1.32 9.91 22.91
N ILE A 48 1.73 10.74 21.95
CA ILE A 48 2.52 10.22 20.81
C ILE A 48 4.01 10.09 21.19
N GLY A 49 4.44 10.67 22.32
CA GLY A 49 5.84 10.63 22.72
C GLY A 49 6.42 9.24 22.89
N GLU A 50 5.72 8.41 23.64
CA GLU A 50 6.23 7.11 24.00
C GLU A 50 6.34 6.24 22.75
N PRO A 51 5.30 6.15 21.90
CA PRO A 51 5.43 5.47 20.61
C PRO A 51 6.58 5.98 19.75
N LEU A 52 6.74 7.33 19.69
CA LEU A 52 7.81 7.88 18.85
C LEU A 52 9.17 7.41 19.39
N LEU A 53 9.33 7.46 20.70
CA LEU A 53 10.56 7.03 21.33
C LEU A 53 10.88 5.61 20.92
N HIS A 54 9.88 4.73 20.91
CA HIS A 54 10.12 3.36 20.53
C HIS A 54 10.60 3.32 19.08
N LEU A 55 9.98 4.10 18.19
CA LEU A 55 10.38 4.10 16.78
C LEU A 55 11.81 4.62 16.60
N LEU A 56 12.19 5.67 17.38
CA LEU A 56 13.54 6.16 17.27
C LEU A 56 14.53 5.12 17.80
N ARG A 57 14.20 4.48 18.94
CA ARG A 57 15.04 3.38 19.44
C ARG A 57 15.20 2.24 18.44
N ASN A 58 14.09 1.77 17.87
CA ASN A 58 14.14 0.79 16.82
C ASN A 58 15.16 1.17 15.72
N ALA A 59 15.07 2.41 15.25
CA ALA A 59 15.92 2.85 14.17
C ALA A 59 17.39 2.81 14.56
N ILE A 60 17.74 3.25 15.74
CA ILE A 60 19.14 3.29 16.15
C ILE A 60 19.68 1.88 16.42
N ASP A 61 18.87 1.02 17.00
CA ASP A 61 19.26 -0.33 17.48
C ASP A 61 19.29 -1.34 16.35
N HIS A 62 18.17 -1.49 15.65
CA HIS A 62 18.01 -2.47 14.61
C HIS A 62 18.24 -1.90 13.24
N GLY A 63 18.24 -0.56 13.06
CA GLY A 63 18.27 0.02 11.74
C GLY A 63 19.70 0.44 11.39
N ILE A 64 20.13 1.59 11.92
CA ILE A 64 21.48 2.08 11.66
C ILE A 64 22.46 1.02 12.13
N GLU A 65 23.44 0.75 11.29
CA GLU A 65 24.45 -0.25 11.59
C GLU A 65 25.66 0.39 12.24
N PRO A 66 26.45 -0.36 13.01
CA PRO A 66 27.65 0.21 13.63
C PRO A 66 28.52 0.69 12.51
N LYS A 67 29.35 1.69 12.81
CA LYS A 67 30.20 2.31 11.82
C LYS A 67 31.04 1.28 11.02
N GLU A 68 31.62 0.27 11.69
CA GLU A 68 32.46 -0.67 11.00
C GLU A 68 31.58 -1.42 9.98
N GLU A 69 30.33 -1.69 10.29
CA GLU A 69 29.49 -2.44 9.37
C GLU A 69 29.01 -1.53 8.24
N ARG A 70 28.77 -0.23 8.52
CA ARG A 70 28.48 0.75 7.47
C ARG A 70 29.61 0.86 6.48
N ILE A 71 30.81 0.97 6.99
CA ILE A 71 31.87 1.08 6.04
C ILE A 71 32.09 -0.23 5.30
N ALA A 72 31.89 -1.40 5.90
CA ALA A 72 32.09 -2.65 5.17
C ALA A 72 31.08 -2.77 4.03
N LYS A 73 29.92 -2.16 4.17
CA LYS A 73 28.90 -2.14 3.16
C LYS A 73 29.06 -1.00 2.16
N GLY A 74 30.06 -0.15 2.33
CA GLY A 74 30.25 0.99 1.45
C GLY A 74 29.20 2.08 1.64
N LYS A 75 28.62 2.16 2.85
CA LYS A 75 27.71 3.22 3.22
C LYS A 75 28.49 4.34 3.93
N PRO A 76 27.91 5.54 4.01
CA PRO A 76 28.47 6.63 4.83
C PRO A 76 28.64 6.17 6.27
N PRO A 77 29.78 6.36 6.94
CA PRO A 77 29.95 5.86 8.30
C PRO A 77 28.93 6.47 9.26
N ILE A 78 28.54 7.72 9.02
CA ILE A 78 27.50 8.29 9.85
C ILE A 78 26.13 7.91 9.30
N GLY A 79 25.26 7.38 10.14
CA GLY A 79 23.88 7.09 9.82
C GLY A 79 23.01 8.33 9.99
N THR A 80 21.90 8.36 9.27
CA THR A 80 20.96 9.45 9.31
C THR A 80 19.61 8.97 9.88
N LEU A 81 19.08 9.71 10.85
CA LEU A 81 17.78 9.48 11.46
C LEU A 81 17.01 10.80 11.38
N ILE A 82 15.86 10.80 10.72
CA ILE A 82 15.05 11.99 10.55
C ILE A 82 13.68 11.80 11.21
N LEU A 83 13.34 12.70 12.15
CA LEU A 83 11.99 12.74 12.72
C LEU A 83 11.31 14.02 12.23
N SER A 84 10.17 13.90 11.54
CA SER A 84 9.52 15.08 11.00
C SER A 84 8.02 15.08 11.30
N ALA A 85 7.47 16.31 11.35
CA ALA A 85 6.03 16.51 11.44
C ALA A 85 5.61 17.59 10.47
N ARG A 86 4.40 17.43 9.88
CA ARG A 86 3.94 18.39 8.87
C ARG A 86 2.43 18.25 8.82
N HIS A 87 1.77 19.35 8.42
CA HIS A 87 0.36 19.34 8.09
C HIS A 87 0.14 18.74 6.71
N GLU A 88 -0.87 17.88 6.60
CA GLU A 88 -1.37 17.46 5.31
C GLU A 88 -2.90 17.57 5.36
N GLY A 89 -3.44 18.61 4.72
CA GLY A 89 -4.84 18.97 4.90
C GLY A 89 -5.13 19.21 6.38
N ASN A 90 -6.11 18.53 6.96
CA ASN A 90 -6.41 18.73 8.38
C ASN A 90 -5.84 17.55 9.20
N ASN A 91 -4.86 16.85 8.64
CA ASN A 91 -4.16 15.80 9.37
C ASN A 91 -2.75 16.28 9.66
N VAL A 92 -2.09 15.60 10.59
CA VAL A 92 -0.66 15.78 10.78
C VAL A 92 -0.01 14.42 10.49
N VAL A 93 1.12 14.49 9.81
CA VAL A 93 1.87 13.34 9.38
C VAL A 93 3.21 13.41 10.08
N ILE A 94 3.53 12.35 10.83
CA ILE A 94 4.79 12.23 11.54
C ILE A 94 5.57 11.07 10.94
N GLU A 95 6.83 11.31 10.58
CA GLU A 95 7.64 10.31 9.92
C GLU A 95 8.94 10.11 10.69
N VAL A 96 9.35 8.85 10.80
CA VAL A 96 10.62 8.43 11.36
C VAL A 96 11.34 7.65 10.30
N GLU A 97 12.44 8.21 9.76
CA GLU A 97 13.18 7.63 8.64
C GLU A 97 14.66 7.46 9.03
N ASP A 98 15.19 6.26 8.77
CA ASP A 98 16.62 5.95 8.93
C ASP A 98 17.17 5.44 7.60
N ASP A 99 18.50 5.54 7.41
CA ASP A 99 19.18 4.93 6.27
C ASP A 99 19.97 3.68 6.68
N GLY A 100 19.35 2.91 7.55
CA GLY A 100 19.97 1.71 8.11
C GLY A 100 19.81 0.48 7.26
N ARG A 101 19.78 -0.67 7.94
CA ARG A 101 19.87 -1.94 7.24
C ARG A 101 18.54 -2.34 6.64
N GLY A 102 17.42 -1.66 7.00
CA GLY A 102 16.13 -2.01 6.42
C GLY A 102 15.59 -3.28 7.10
N ILE A 103 14.33 -3.59 6.83
CA ILE A 103 13.63 -4.73 7.37
C ILE A 103 13.77 -5.86 6.39
N ASP A 104 14.15 -7.05 6.83
CA ASP A 104 14.28 -8.16 5.89
C ASP A 104 12.90 -8.77 5.66
N LYS A 105 12.25 -8.49 4.54
CA LYS A 105 10.93 -8.99 4.33
C LYS A 105 10.87 -10.52 4.17
N GLU A 106 11.96 -11.13 3.69
CA GLU A 106 12.05 -12.59 3.50
C GLU A 106 12.01 -13.23 4.88
N LYS A 107 12.70 -12.61 5.85
CA LYS A 107 12.67 -13.08 7.23
C LYS A 107 11.26 -13.03 7.85
N ILE A 108 10.55 -11.94 7.60
CA ILE A 108 9.20 -11.80 8.09
C ILE A 108 8.34 -12.93 7.51
N ILE A 109 8.45 -13.20 6.20
CA ILE A 109 7.63 -14.27 5.61
C ILE A 109 8.00 -15.61 6.24
N ARG A 110 9.30 -15.88 6.36
CA ARG A 110 9.74 -17.13 6.99
C ARG A 110 9.17 -17.32 8.40
N LYS A 111 9.17 -16.28 9.20
CA LYS A 111 8.63 -16.33 10.55
C LYS A 111 7.11 -16.45 10.53
N ALA A 112 6.42 -15.75 9.62
CA ALA A 112 4.98 -15.91 9.48
C ALA A 112 4.60 -17.37 9.18
N ILE A 113 5.37 -18.04 8.32
CA ILE A 113 5.15 -19.43 7.98
C ILE A 113 5.46 -20.29 9.23
N GLU A 114 6.56 -20.03 9.88
CA GLU A 114 6.96 -20.77 11.06
C GLU A 114 5.87 -20.74 12.10
N LYS A 115 5.25 -19.56 12.34
CA LYS A 115 4.32 -19.39 13.45
C LYS A 115 2.91 -19.76 13.03
N GLY A 116 2.77 -20.12 11.75
CA GLY A 116 1.56 -20.72 11.27
C GLY A 116 0.55 -19.66 10.88
N LEU A 117 0.98 -18.42 10.63
CA LEU A 117 0.04 -17.37 10.27
C LEU A 117 -0.28 -17.43 8.79
N ILE A 118 0.61 -18.05 8.01
CA ILE A 118 0.36 -18.18 6.60
C ILE A 118 1.02 -19.41 6.01
N ASP A 119 0.44 -19.76 4.85
CA ASP A 119 0.80 -20.87 4.01
C ASP A 119 2.00 -20.47 3.17
N GLU A 120 2.95 -21.39 2.90
CA GLU A 120 4.04 -21.08 1.98
C GLU A 120 3.52 -20.76 0.59
N SER A 121 2.43 -21.40 0.17
CA SER A 121 1.99 -21.27 -1.22
C SER A 121 1.58 -19.83 -1.53
N LYS A 122 1.02 -19.11 -0.54
CA LYS A 122 0.54 -17.72 -0.64
C LYS A 122 1.65 -16.64 -0.63
N ALA A 123 2.84 -17.03 -0.22
CA ALA A 123 3.82 -16.03 0.16
C ALA A 123 4.48 -15.40 -1.07
N ALA A 124 4.50 -16.15 -2.19
CA ALA A 124 5.24 -15.76 -3.38
C ALA A 124 4.69 -14.44 -3.93
N THR A 125 3.41 -14.13 -3.69
CA THR A 125 2.80 -12.94 -4.29
C THR A 125 2.25 -11.94 -3.27
N LEU A 126 2.63 -12.08 -1.97
CA LEU A 126 2.13 -11.23 -0.90
C LEU A 126 2.57 -9.78 -1.16
N SER A 127 1.74 -8.76 -0.93
CA SER A 127 2.22 -7.37 -1.12
C SER A 127 3.22 -6.94 -0.03
N ASP A 128 4.04 -5.94 -0.34
CA ASP A 128 5.00 -5.41 0.62
C ASP A 128 4.34 -4.92 1.91
N GLN A 129 3.22 -4.22 1.80
CA GLN A 129 2.55 -3.67 2.99
C GLN A 129 1.95 -4.81 3.80
N GLU A 130 1.43 -5.81 3.13
CA GLU A 130 0.91 -6.99 3.81
C GLU A 130 2.02 -7.68 4.61
N ILE A 131 3.22 -7.75 4.03
CA ILE A 131 4.36 -8.38 4.67
C ILE A 131 4.78 -7.57 5.90
N LEU A 132 4.98 -6.25 5.72
CA LEU A 132 5.47 -5.39 6.80
C LEU A 132 4.50 -5.31 7.98
N ASN A 133 3.21 -5.40 7.68
CA ASN A 133 2.19 -5.36 8.71
C ASN A 133 2.22 -6.54 9.69
N PHE A 134 2.89 -7.65 9.34
CA PHE A 134 3.13 -8.67 10.36
C PHE A 134 3.87 -8.09 11.56
N LEU A 135 4.64 -7.04 11.34
CA LEU A 135 5.36 -6.47 12.46
C LEU A 135 4.47 -5.96 13.58
N PHE A 136 3.19 -5.75 13.29
CA PHE A 136 2.28 -5.22 14.31
C PHE A 136 1.62 -6.37 15.07
N VAL A 137 1.84 -7.61 14.64
CA VAL A 137 1.19 -8.77 15.27
C VAL A 137 1.85 -9.03 16.61
N PRO A 138 1.14 -9.07 17.76
CA PRO A 138 1.84 -9.10 19.05
C PRO A 138 2.91 -10.19 19.26
N GLY A 139 2.71 -11.40 18.85
CA GLY A 139 3.85 -12.29 19.15
C GLY A 139 5.17 -12.03 18.40
N PHE A 140 5.12 -11.13 17.41
CA PHE A 140 5.86 -11.32 16.18
C PHE A 140 7.24 -10.73 16.31
N SER A 141 8.26 -11.58 16.44
CA SER A 141 9.62 -11.08 16.68
C SER A 141 9.79 -10.62 18.14
N VAL A 154 8.33 -1.09 24.68
CA VAL A 154 7.02 -1.45 24.05
C VAL A 154 7.33 -2.06 22.70
N GLY A 155 6.46 -2.93 22.22
CA GLY A 155 6.62 -3.46 20.87
C GLY A 155 5.83 -2.63 19.87
N MET A 156 5.93 -3.08 18.61
CA MET A 156 5.28 -2.44 17.50
C MET A 156 3.76 -2.59 17.51
N ASP A 157 3.24 -3.73 18.04
CA ASP A 157 1.79 -3.87 18.24
C ASP A 157 1.26 -2.71 19.10
N VAL A 158 1.99 -2.37 20.18
CA VAL A 158 1.55 -1.37 21.14
C VAL A 158 1.62 0.00 20.48
N VAL A 159 2.66 0.27 19.67
CA VAL A 159 2.72 1.51 18.90
C VAL A 159 1.45 1.66 18.04
N LYS A 160 1.07 0.60 17.33
CA LYS A 160 -0.11 0.64 16.48
C LYS A 160 -1.37 0.86 17.33
N ASN A 161 -1.44 0.23 18.53
CA ASN A 161 -2.62 0.35 19.38
C ASN A 161 -2.78 1.80 19.84
N VAL A 162 -1.69 2.46 20.23
CA VAL A 162 -1.74 3.84 20.64
C VAL A 162 -2.19 4.74 19.48
N VAL A 163 -1.63 4.51 18.30
CA VAL A 163 -2.01 5.34 17.16
C VAL A 163 -3.50 5.19 16.86
N GLU A 164 -3.97 3.95 16.83
CA GLU A 164 -5.37 3.64 16.54
C GLU A 164 -6.28 4.19 17.63
N SER A 165 -5.79 4.25 18.88
CA SER A 165 -6.56 4.86 19.95
C SER A 165 -6.72 6.35 19.70
N LEU A 166 -5.81 6.97 18.96
CA LEU A 166 -5.87 8.39 18.66
C LEU A 166 -6.62 8.66 17.33
N ASN A 167 -7.27 7.65 16.78
CA ASN A 167 -7.95 7.72 15.49
C ASN A 167 -6.96 7.91 14.34
N GLY A 168 -5.74 7.41 14.51
CA GLY A 168 -4.70 7.57 13.55
C GLY A 168 -4.45 6.32 12.73
N SER A 169 -3.48 6.40 11.79
CA SER A 169 -3.04 5.25 11.01
C SER A 169 -1.53 5.24 11.00
N ILE A 170 -0.97 4.06 10.76
CA ILE A 170 0.46 3.87 10.80
C ILE A 170 0.83 3.00 9.61
N SER A 171 1.97 3.28 8.98
CA SER A 171 2.45 2.43 7.90
C SER A 171 3.97 2.34 8.00
N ILE A 172 4.49 1.28 7.38
CA ILE A 172 5.92 1.04 7.37
C ILE A 172 6.30 0.88 5.90
N GLU A 173 7.43 1.45 5.50
CA GLU A 173 8.06 1.18 4.22
C GLU A 173 9.52 0.90 4.47
N SER A 174 10.16 -0.03 3.72
CA SER A 174 11.56 -0.36 4.00
C SER A 174 12.14 -1.02 2.78
N GLU A 175 13.46 -0.96 2.69
CA GLU A 175 14.14 -1.62 1.59
C GLU A 175 15.47 -2.07 2.14
N LYS A 176 15.82 -3.34 1.96
CA LYS A 176 17.02 -3.92 2.57
C LYS A 176 18.25 -3.10 2.12
N ASP A 177 19.09 -2.76 3.09
CA ASP A 177 20.32 -2.01 2.98
C ASP A 177 20.10 -0.53 2.73
N LYS A 178 18.87 -0.06 2.60
CA LYS A 178 18.65 1.32 2.24
C LYS A 178 18.05 2.04 3.46
N GLY A 179 17.12 1.40 4.15
CA GLY A 179 16.57 1.93 5.39
C GLY A 179 15.06 1.85 5.45
N THR A 180 14.50 2.54 6.47
CA THR A 180 13.13 2.29 6.91
C THR A 180 12.42 3.63 7.16
N LYS A 181 11.16 3.72 6.71
CA LYS A 181 10.35 4.88 7.07
C LYS A 181 9.04 4.44 7.71
N VAL A 182 8.75 4.92 8.92
CA VAL A 182 7.51 4.69 9.59
C VAL A 182 6.74 6.02 9.57
N THR A 183 5.50 5.95 9.07
CA THR A 183 4.65 7.12 9.00
C THR A 183 3.43 6.95 9.89
N ILE A 184 3.11 8.02 10.64
CA ILE A 184 1.95 8.07 11.48
C ILE A 184 1.12 9.24 11.01
N ARG A 185 -0.18 9.03 10.80
CA ARG A 185 -1.07 10.05 10.38
C ARG A 185 -2.09 10.20 11.50
N LEU A 186 -2.22 11.42 12.04
CA LEU A 186 -3.15 11.74 13.10
C LEU A 186 -4.16 12.77 12.61
N PRO A 187 -5.36 12.83 13.17
CA PRO A 187 -6.26 13.94 12.97
C PRO A 187 -5.67 15.13 13.75
N LEU A 188 -5.95 16.36 13.26
CA LEU A 188 -5.52 17.58 13.94
C LEU A 188 -6.14 17.64 15.31
N THR A 189 -7.43 17.31 15.31
CA THR A 189 -8.32 17.45 16.43
C THR A 189 -9.13 16.13 16.57
N VAL B 5 0.89 -22.14 -21.50
CA VAL B 5 0.71 -21.64 -22.90
C VAL B 5 0.83 -20.12 -22.86
N PRO B 6 0.79 -19.47 -24.04
CA PRO B 6 0.76 -18.02 -24.13
C PRO B 6 -0.62 -17.61 -23.57
N ILE B 7 -0.64 -16.50 -22.84
CA ILE B 7 -1.88 -15.98 -22.25
C ILE B 7 -2.86 -15.49 -23.31
N SER B 8 -2.37 -15.28 -24.53
CA SER B 8 -3.18 -15.08 -25.72
C SER B 8 -4.33 -16.08 -25.87
N PHE B 9 -4.27 -17.30 -25.29
CA PHE B 9 -5.40 -18.24 -25.35
C PHE B 9 -6.62 -17.68 -24.61
N VAL B 10 -6.38 -16.87 -23.58
CA VAL B 10 -7.37 -16.04 -22.89
C VAL B 10 -7.55 -14.69 -23.61
N PHE B 11 -6.47 -13.96 -23.83
CA PHE B 11 -6.60 -12.58 -24.24
C PHE B 11 -7.32 -12.49 -25.59
N ASN B 12 -7.18 -13.50 -26.45
CA ASN B 12 -7.79 -13.40 -27.77
C ASN B 12 -9.31 -13.34 -27.75
N ARG B 13 -9.94 -13.80 -26.68
CA ARG B 13 -11.38 -13.73 -26.61
C ARG B 13 -11.82 -12.31 -26.26
N PHE B 14 -10.93 -11.45 -25.73
CA PHE B 14 -11.47 -10.23 -25.09
C PHE B 14 -11.85 -9.13 -26.10
N PRO B 15 -11.21 -8.94 -27.26
CA PRO B 15 -11.66 -7.84 -28.11
C PRO B 15 -13.14 -8.00 -28.46
N ARG B 16 -13.58 -9.23 -28.72
CA ARG B 16 -14.99 -9.43 -29.00
C ARG B 16 -15.89 -9.07 -27.83
N MET B 17 -15.50 -9.57 -26.65
CA MET B 17 -16.24 -9.35 -25.42
C MET B 17 -16.32 -7.84 -25.13
N VAL B 18 -15.20 -7.15 -25.28
CA VAL B 18 -15.16 -5.71 -24.99
C VAL B 18 -16.01 -4.95 -25.98
N ARG B 19 -15.93 -5.27 -27.27
CA ARG B 19 -16.75 -4.54 -28.22
C ARG B 19 -18.25 -4.87 -28.04
N ASP B 20 -18.59 -6.10 -27.61
CA ASP B 20 -19.98 -6.40 -27.33
C ASP B 20 -20.47 -5.58 -26.15
N LEU B 21 -19.66 -5.48 -25.11
CA LEU B 21 -20.09 -4.77 -23.92
C LEU B 21 -20.13 -3.27 -24.17
N ALA B 22 -19.17 -2.74 -24.92
CA ALA B 22 -19.16 -1.33 -25.28
C ALA B 22 -20.41 -0.98 -26.08
N LYS B 23 -20.75 -1.78 -27.08
CA LYS B 23 -21.97 -1.59 -27.85
C LYS B 23 -23.23 -1.62 -26.97
N LYS B 24 -23.37 -2.66 -26.13
CA LYS B 24 -24.52 -2.76 -25.22
C LYS B 24 -24.61 -1.54 -24.30
N MET B 25 -23.47 -1.03 -23.82
CA MET B 25 -23.50 -0.03 -22.78
C MET B 25 -23.37 1.37 -23.36
N ASN B 26 -23.48 1.46 -24.69
CA ASN B 26 -23.47 2.71 -25.41
C ASN B 26 -22.16 3.49 -25.21
N LYS B 27 -21.02 2.79 -25.08
CA LYS B 27 -19.73 3.38 -24.72
C LYS B 27 -18.74 3.21 -25.87
N GLU B 28 -17.92 4.23 -26.11
CA GLU B 28 -16.87 4.10 -27.10
C GLU B 28 -15.59 3.78 -26.33
N VAL B 29 -14.87 2.75 -26.78
CA VAL B 29 -13.71 2.21 -26.07
C VAL B 29 -12.59 1.96 -27.07
N ASN B 30 -11.41 2.49 -26.77
CA ASN B 30 -10.18 2.17 -27.46
C ASN B 30 -9.51 1.05 -26.65
N PHE B 31 -9.64 -0.19 -27.10
CA PHE B 31 -9.12 -1.35 -26.36
C PHE B 31 -7.76 -1.78 -26.85
N ILE B 32 -6.78 -1.86 -25.97
CA ILE B 32 -5.42 -2.21 -26.39
C ILE B 32 -4.98 -3.38 -25.55
N MET B 33 -4.42 -4.42 -26.18
CA MET B 33 -3.79 -5.52 -25.49
C MET B 33 -2.29 -5.50 -25.74
N ARG B 34 -1.50 -5.69 -24.68
CA ARG B 34 -0.05 -5.88 -24.77
C ARG B 34 0.44 -7.11 -23.99
N GLY B 35 1.62 -7.64 -24.38
CA GLY B 35 2.19 -8.79 -23.74
C GLY B 35 1.46 -10.11 -24.01
N GLU B 36 0.66 -10.23 -25.07
CA GLU B 36 -0.16 -11.42 -25.34
C GLU B 36 0.66 -12.72 -25.42
N ASP B 37 1.96 -12.63 -25.61
CA ASP B 37 2.77 -13.85 -25.81
C ASP B 37 3.33 -14.37 -24.49
N THR B 38 3.06 -13.63 -23.39
CA THR B 38 3.54 -13.98 -22.08
C THR B 38 2.98 -15.35 -21.72
N GLU B 39 3.87 -16.28 -21.36
CA GLU B 39 3.49 -17.66 -21.15
C GLU B 39 3.36 -17.95 -19.69
N LEU B 40 2.36 -18.77 -19.33
CA LEU B 40 2.34 -19.28 -17.97
C LEU B 40 1.60 -20.61 -17.95
N ASP B 41 1.55 -21.22 -16.77
CA ASP B 41 1.12 -22.60 -16.57
C ASP B 41 -0.35 -22.70 -16.95
N ARG B 42 -0.74 -23.83 -17.57
CA ARG B 42 -2.08 -24.11 -18.05
C ARG B 42 -3.13 -23.84 -16.97
N THR B 43 -2.85 -24.23 -15.73
CA THR B 43 -3.81 -23.98 -14.65
C THR B 43 -4.21 -22.51 -14.62
N PHE B 44 -3.21 -21.63 -14.75
CA PHE B 44 -3.50 -20.21 -14.65
C PHE B 44 -4.35 -19.81 -15.85
N VAL B 45 -3.93 -20.25 -17.02
CA VAL B 45 -4.56 -19.90 -18.27
C VAL B 45 -6.06 -20.24 -18.18
N GLU B 46 -6.40 -21.40 -17.63
CA GLU B 46 -7.81 -21.75 -17.73
C GLU B 46 -8.62 -21.12 -16.60
N GLU B 47 -8.01 -20.49 -15.58
CA GLU B 47 -8.76 -19.94 -14.46
C GLU B 47 -8.78 -18.40 -14.49
N ILE B 48 -7.85 -17.76 -15.19
CA ILE B 48 -7.64 -16.32 -15.07
C ILE B 48 -8.62 -15.51 -15.95
N GLY B 49 -9.29 -16.20 -16.89
CA GLY B 49 -10.16 -15.51 -17.81
C GLY B 49 -11.34 -14.82 -17.15
N GLU B 50 -12.00 -15.54 -16.26
CA GLU B 50 -13.20 -15.06 -15.61
C GLU B 50 -12.91 -13.80 -14.80
N PRO B 51 -11.95 -13.78 -13.87
CA PRO B 51 -11.58 -12.54 -13.17
C PRO B 51 -11.24 -11.39 -14.11
N LEU B 52 -10.48 -11.67 -15.17
CA LEU B 52 -10.12 -10.57 -16.07
C LEU B 52 -11.37 -9.98 -16.72
N LEU B 53 -12.24 -10.86 -17.22
CA LEU B 53 -13.49 -10.40 -17.84
C LEU B 53 -14.27 -9.51 -16.87
N HIS B 54 -14.34 -9.90 -15.59
CA HIS B 54 -14.99 -9.06 -14.61
C HIS B 54 -14.31 -7.67 -14.59
N LEU B 55 -12.96 -7.61 -14.56
CA LEU B 55 -12.28 -6.33 -14.47
C LEU B 55 -12.48 -5.47 -15.73
N LEU B 56 -12.56 -6.11 -16.91
CA LEU B 56 -12.81 -5.38 -18.12
C LEU B 56 -14.25 -4.85 -18.13
N ARG B 57 -15.20 -5.70 -17.70
CA ARG B 57 -16.58 -5.23 -17.61
C ARG B 57 -16.68 -4.01 -16.68
N ASN B 58 -16.10 -4.11 -15.49
CA ASN B 58 -16.06 -3.04 -14.55
C ASN B 58 -15.52 -1.75 -15.17
N ALA B 59 -14.44 -1.86 -15.96
CA ALA B 59 -13.86 -0.68 -16.53
C ALA B 59 -14.81 -0.05 -17.54
N ILE B 60 -15.51 -0.86 -18.36
CA ILE B 60 -16.33 -0.33 -19.43
C ILE B 60 -17.60 0.29 -18.84
N ASP B 61 -18.17 -0.35 -17.81
CA ASP B 61 -19.43 0.05 -17.19
C ASP B 61 -19.25 1.25 -16.24
N HIS B 62 -18.41 1.09 -15.22
CA HIS B 62 -18.26 2.08 -14.16
C HIS B 62 -17.10 3.05 -14.40
N GLY B 63 -16.15 2.68 -15.26
CA GLY B 63 -14.97 3.52 -15.49
C GLY B 63 -15.12 4.52 -16.63
N ILE B 64 -15.04 4.01 -17.86
CA ILE B 64 -15.03 4.82 -19.07
C ILE B 64 -16.34 5.57 -19.07
N GLU B 65 -16.24 6.86 -19.29
CA GLU B 65 -17.39 7.73 -19.40
C GLU B 65 -17.85 7.79 -20.86
N PRO B 66 -19.12 8.10 -21.13
CA PRO B 66 -19.54 8.29 -22.50
C PRO B 66 -18.73 9.43 -23.13
N LYS B 67 -18.51 9.33 -24.43
CA LYS B 67 -17.73 10.30 -25.21
C LYS B 67 -18.16 11.75 -24.92
N GLU B 68 -19.47 12.01 -24.91
CA GLU B 68 -19.98 13.37 -24.66
C GLU B 68 -19.52 13.84 -23.28
N GLU B 69 -19.54 12.95 -22.28
CA GLU B 69 -19.11 13.35 -20.96
C GLU B 69 -17.58 13.56 -20.90
N ARG B 70 -16.81 12.75 -21.62
CA ARG B 70 -15.35 12.95 -21.64
C ARG B 70 -15.01 14.30 -22.28
N ILE B 71 -15.66 14.62 -23.41
CA ILE B 71 -15.49 15.91 -24.07
C ILE B 71 -15.80 17.05 -23.10
N ALA B 72 -16.87 16.93 -22.33
CA ALA B 72 -17.28 18.01 -21.43
C ALA B 72 -16.27 18.19 -20.29
N LYS B 73 -15.55 17.14 -19.94
CA LYS B 73 -14.55 17.20 -18.89
C LYS B 73 -13.17 17.59 -19.47
N GLY B 74 -13.07 17.78 -20.78
CA GLY B 74 -11.78 18.06 -21.41
C GLY B 74 -10.81 16.88 -21.48
N LYS B 75 -11.33 15.66 -21.59
CA LYS B 75 -10.51 14.48 -21.77
C LYS B 75 -10.45 14.11 -23.25
N PRO B 76 -9.46 13.30 -23.67
CA PRO B 76 -9.50 12.61 -24.99
C PRO B 76 -10.86 11.94 -25.19
N PRO B 77 -11.57 12.15 -26.33
CA PRO B 77 -13.01 11.88 -26.35
C PRO B 77 -13.32 10.41 -26.10
N ILE B 78 -12.51 9.52 -26.67
CA ILE B 78 -12.72 8.09 -26.53
C ILE B 78 -11.91 7.56 -25.36
N GLY B 79 -12.52 6.80 -24.47
CA GLY B 79 -11.83 6.18 -23.35
C GLY B 79 -10.94 5.01 -23.77
N THR B 80 -9.83 4.86 -23.08
CA THR B 80 -8.85 3.83 -23.36
C THR B 80 -8.84 2.77 -22.24
N LEU B 81 -8.82 1.49 -22.67
CA LEU B 81 -8.76 0.32 -21.82
C LEU B 81 -7.57 -0.50 -22.27
N ILE B 82 -6.60 -0.68 -21.38
CA ILE B 82 -5.36 -1.40 -21.67
C ILE B 82 -5.26 -2.66 -20.79
N LEU B 83 -5.13 -3.83 -21.42
CA LEU B 83 -4.91 -5.09 -20.76
C LEU B 83 -3.51 -5.54 -21.13
N SER B 84 -2.68 -5.79 -20.14
CA SER B 84 -1.31 -6.13 -20.43
C SER B 84 -0.82 -7.26 -19.53
N ALA B 85 0.18 -8.02 -20.05
CA ALA B 85 0.85 -9.04 -19.25
C ALA B 85 2.36 -8.94 -19.45
N ARG B 86 3.13 -9.23 -18.40
CA ARG B 86 4.59 -9.28 -18.52
C ARG B 86 5.12 -10.21 -17.44
N HIS B 87 6.35 -10.68 -17.66
CA HIS B 87 7.13 -11.36 -16.65
C HIS B 87 7.71 -10.34 -15.65
N GLU B 88 7.61 -10.65 -14.36
CA GLU B 88 8.42 -9.99 -13.34
C GLU B 88 9.08 -11.07 -12.48
N GLY B 89 10.34 -11.38 -12.77
CA GLY B 89 11.02 -12.40 -11.99
C GLY B 89 10.42 -13.77 -12.27
N ASN B 90 9.96 -14.49 -11.24
CA ASN B 90 9.29 -15.77 -11.48
C ASN B 90 7.76 -15.59 -11.50
N ASN B 91 7.32 -14.33 -11.52
CA ASN B 91 5.90 -14.01 -11.44
C ASN B 91 5.44 -13.44 -12.78
N VAL B 92 4.13 -13.49 -12.98
CA VAL B 92 3.49 -12.84 -14.11
C VAL B 92 2.59 -11.76 -13.52
N VAL B 93 2.63 -10.59 -14.15
CA VAL B 93 1.91 -9.43 -13.70
C VAL B 93 0.97 -9.03 -14.82
N ILE B 94 -0.33 -8.96 -14.49
CA ILE B 94 -1.38 -8.60 -15.44
C ILE B 94 -2.07 -7.34 -14.94
N GLU B 95 -2.14 -6.34 -15.80
CA GLU B 95 -2.75 -5.08 -15.45
C GLU B 95 -3.97 -4.80 -16.35
N VAL B 96 -5.00 -4.22 -15.75
CA VAL B 96 -6.15 -3.71 -16.45
C VAL B 96 -6.25 -2.23 -16.06
N GLU B 97 -6.04 -1.34 -17.02
CA GLU B 97 -5.96 0.11 -16.76
C GLU B 97 -6.98 0.79 -17.68
N ASP B 98 -7.76 1.70 -17.13
CA ASP B 98 -8.67 2.57 -17.86
C ASP B 98 -8.35 4.01 -17.48
N ASP B 99 -8.69 4.94 -18.36
CA ASP B 99 -8.53 6.37 -18.16
C ASP B 99 -9.91 7.00 -17.93
N GLY B 100 -10.76 6.25 -17.20
CA GLY B 100 -12.11 6.72 -16.95
C GLY B 100 -12.26 7.55 -15.69
N ARG B 101 -13.46 7.42 -15.05
CA ARG B 101 -13.81 8.42 -14.05
C ARG B 101 -13.19 8.09 -12.70
N GLY B 102 -12.63 6.91 -12.55
CA GLY B 102 -11.94 6.53 -11.33
C GLY B 102 -12.96 6.10 -10.29
N ILE B 103 -12.43 5.64 -9.15
CA ILE B 103 -13.25 5.25 -7.99
C ILE B 103 -13.39 6.43 -7.04
N ASP B 104 -14.62 6.80 -6.66
CA ASP B 104 -14.82 7.90 -5.73
C ASP B 104 -14.52 7.42 -4.28
N LYS B 105 -13.39 7.82 -3.74
CA LYS B 105 -13.00 7.35 -2.41
C LYS B 105 -13.90 7.91 -1.30
N GLU B 106 -14.51 9.06 -1.53
CA GLU B 106 -15.38 9.69 -0.54
C GLU B 106 -16.67 8.88 -0.44
N LYS B 107 -17.10 8.37 -1.58
CA LYS B 107 -18.25 7.48 -1.63
C LYS B 107 -17.98 6.14 -0.93
N ILE B 108 -16.78 5.63 -1.06
CA ILE B 108 -16.40 4.40 -0.36
C ILE B 108 -16.47 4.62 1.14
N ILE B 109 -15.94 5.78 1.61
CA ILE B 109 -15.97 6.02 3.03
C ILE B 109 -17.39 6.18 3.56
N ARG B 110 -18.20 6.98 2.85
CA ARG B 110 -19.60 7.13 3.23
C ARG B 110 -20.33 5.78 3.38
N LYS B 111 -20.09 4.89 2.41
CA LYS B 111 -20.68 3.55 2.44
C LYS B 111 -20.13 2.71 3.60
N ALA B 112 -18.84 2.78 3.85
CA ALA B 112 -18.24 2.02 4.96
C ALA B 112 -18.78 2.48 6.29
N ILE B 113 -18.99 3.82 6.45
CA ILE B 113 -19.59 4.35 7.67
C ILE B 113 -21.05 3.88 7.76
N GLU B 114 -21.78 3.95 6.67
CA GLU B 114 -23.15 3.47 6.68
C GLU B 114 -23.23 2.00 7.11
N LYS B 115 -22.27 1.17 6.71
CA LYS B 115 -22.27 -0.25 6.96
C LYS B 115 -21.68 -0.59 8.32
N GLY B 116 -21.32 0.44 9.06
CA GLY B 116 -20.81 0.29 10.37
C GLY B 116 -19.38 -0.23 10.40
N LEU B 117 -18.64 -0.23 9.29
CA LEU B 117 -17.28 -0.79 9.26
C LEU B 117 -16.24 0.18 9.81
N ILE B 118 -16.53 1.49 9.96
CA ILE B 118 -15.59 2.47 10.45
C ILE B 118 -16.36 3.68 10.94
N ASP B 119 -15.82 4.47 11.90
CA ASP B 119 -16.56 5.68 12.30
C ASP B 119 -15.92 6.86 11.62
N GLU B 120 -16.58 8.04 11.61
CA GLU B 120 -16.03 9.18 10.91
C GLU B 120 -14.61 9.53 11.38
N SER B 121 -14.31 9.39 12.66
CA SER B 121 -13.01 9.87 13.16
C SER B 121 -11.85 9.10 12.55
N LYS B 122 -12.03 7.78 12.45
CA LYS B 122 -10.97 6.91 11.92
C LYS B 122 -10.90 7.05 10.39
N ALA B 123 -11.97 7.48 9.72
CA ALA B 123 -11.90 7.53 8.28
C ALA B 123 -11.01 8.70 7.79
N ALA B 124 -10.89 9.74 8.61
CA ALA B 124 -10.13 10.94 8.26
C ALA B 124 -8.65 10.58 8.03
N THR B 125 -8.15 9.48 8.64
CA THR B 125 -6.72 9.22 8.49
C THR B 125 -6.39 7.97 7.69
N LEU B 126 -7.39 7.35 7.03
CA LEU B 126 -7.17 6.19 6.20
C LEU B 126 -6.28 6.54 5.05
N SER B 127 -5.39 5.64 4.66
CA SER B 127 -4.60 5.82 3.44
C SER B 127 -5.46 5.46 2.24
N ASP B 128 -4.94 5.73 1.04
CA ASP B 128 -5.70 5.46 -0.18
C ASP B 128 -5.87 3.96 -0.33
N GLN B 129 -4.86 3.13 0.03
CA GLN B 129 -4.98 1.70 -0.16
C GLN B 129 -5.91 1.13 0.91
N GLU B 130 -5.92 1.71 2.11
CA GLU B 130 -6.88 1.27 3.12
C GLU B 130 -8.30 1.52 2.63
N ILE B 131 -8.53 2.69 1.98
CA ILE B 131 -9.85 3.06 1.49
C ILE B 131 -10.26 2.10 0.36
N LEU B 132 -9.40 1.92 -0.65
CA LEU B 132 -9.72 1.06 -1.78
C LEU B 132 -9.92 -0.42 -1.38
N ASN B 133 -9.27 -0.89 -0.36
CA ASN B 133 -9.41 -2.25 0.15
C ASN B 133 -10.79 -2.57 0.73
N PHE B 134 -11.60 -1.53 1.01
CA PHE B 134 -13.02 -1.77 1.29
C PHE B 134 -13.70 -2.43 0.11
N LEU B 135 -13.24 -2.17 -1.10
CA LEU B 135 -13.90 -2.79 -2.22
C LEU B 135 -13.82 -4.31 -2.18
N PHE B 136 -12.83 -4.87 -1.48
CA PHE B 136 -12.67 -6.31 -1.49
C PHE B 136 -13.45 -6.96 -0.33
N VAL B 137 -14.16 -6.15 0.46
CA VAL B 137 -15.00 -6.67 1.53
C VAL B 137 -16.22 -7.36 0.89
N PRO B 138 -16.52 -8.65 1.19
CA PRO B 138 -17.64 -9.28 0.51
C PRO B 138 -18.96 -8.52 0.67
N GLY B 139 -19.63 -8.33 -0.45
CA GLY B 139 -20.85 -7.57 -0.52
C GLY B 139 -20.66 -6.06 -0.44
N PHE B 140 -19.43 -5.53 -0.50
CA PHE B 140 -19.30 -4.09 -0.33
C PHE B 140 -19.97 -3.28 -1.41
N SER B 141 -19.71 -3.51 -2.70
CA SER B 141 -20.73 -3.04 -3.67
C SER B 141 -21.97 -3.95 -3.72
N THR B 142 -21.86 -5.24 -3.32
CA THR B 142 -23.00 -6.10 -2.97
C THR B 142 -23.26 -7.21 -4.01
N GLY B 155 -18.67 -8.01 -6.10
CA GLY B 155 -17.76 -7.37 -7.07
C GLY B 155 -16.32 -7.84 -6.94
N MET B 156 -15.49 -6.97 -6.41
CA MET B 156 -14.04 -7.16 -6.36
C MET B 156 -13.66 -8.30 -5.42
N ASP B 157 -14.56 -8.65 -4.48
CA ASP B 157 -14.36 -9.79 -3.59
C ASP B 157 -14.24 -11.07 -4.41
N VAL B 158 -15.13 -11.21 -5.40
CA VAL B 158 -15.20 -12.37 -6.27
C VAL B 158 -13.91 -12.48 -7.12
N VAL B 159 -13.43 -11.34 -7.61
CA VAL B 159 -12.18 -11.32 -8.38
C VAL B 159 -11.05 -11.76 -7.43
N LYS B 160 -11.04 -11.21 -6.21
CA LYS B 160 -9.96 -11.52 -5.29
C LYS B 160 -9.99 -13.01 -4.89
N ASN B 161 -11.16 -13.59 -4.70
CA ASN B 161 -11.25 -15.02 -4.31
C ASN B 161 -10.62 -15.92 -5.37
N VAL B 162 -10.87 -15.63 -6.66
CA VAL B 162 -10.25 -16.42 -7.72
C VAL B 162 -8.74 -16.23 -7.75
N VAL B 163 -8.31 -14.97 -7.68
CA VAL B 163 -6.88 -14.72 -7.74
C VAL B 163 -6.17 -15.46 -6.58
N GLU B 164 -6.77 -15.42 -5.37
CA GLU B 164 -6.12 -16.00 -4.20
C GLU B 164 -6.21 -17.50 -4.25
N SER B 165 -7.22 -18.06 -4.97
CA SER B 165 -7.26 -19.49 -5.23
C SER B 165 -6.07 -19.90 -6.10
N LEU B 166 -5.53 -18.97 -6.91
CA LEU B 166 -4.36 -19.24 -7.71
C LEU B 166 -3.07 -18.83 -7.02
N ASN B 167 -3.15 -18.50 -5.73
CA ASN B 167 -2.04 -18.05 -4.90
C ASN B 167 -1.51 -16.72 -5.38
N GLY B 168 -2.39 -15.91 -5.97
CA GLY B 168 -1.98 -14.63 -6.52
C GLY B 168 -2.36 -13.48 -5.57
N SER B 169 -1.95 -12.27 -5.95
CA SER B 169 -2.30 -11.07 -5.20
C SER B 169 -2.92 -10.08 -6.17
N ILE B 170 -3.79 -9.23 -5.61
CA ILE B 170 -4.46 -8.26 -6.45
C ILE B 170 -4.31 -6.92 -5.78
N SER B 171 -4.20 -5.83 -6.55
CA SER B 171 -4.17 -4.49 -5.95
C SER B 171 -4.89 -3.54 -6.87
N ILE B 172 -5.34 -2.44 -6.29
CA ILE B 172 -6.14 -1.47 -7.03
C ILE B 172 -5.50 -0.12 -6.77
N GLU B 173 -5.38 0.71 -7.81
CA GLU B 173 -5.02 2.11 -7.68
C GLU B 173 -6.03 2.87 -8.49
N SER B 174 -6.44 4.03 -8.01
CA SER B 174 -7.52 4.74 -8.69
C SER B 174 -7.53 6.18 -8.22
N GLU B 175 -7.82 7.11 -9.13
CA GLU B 175 -7.99 8.47 -8.67
C GLU B 175 -9.13 9.04 -9.48
N LYS B 176 -9.85 9.94 -8.83
CA LYS B 176 -11.07 10.43 -9.42
C LYS B 176 -10.72 11.27 -10.64
N ASP B 177 -11.46 11.04 -11.74
CA ASP B 177 -11.29 11.67 -13.03
C ASP B 177 -10.06 11.21 -13.80
N LYS B 178 -9.18 10.40 -13.22
CA LYS B 178 -7.95 10.00 -13.88
C LYS B 178 -8.10 8.57 -14.47
N GLY B 179 -8.65 7.68 -13.68
CA GLY B 179 -8.85 6.29 -14.09
C GLY B 179 -8.41 5.33 -12.99
N THR B 180 -8.36 4.04 -13.36
CA THR B 180 -8.18 2.93 -12.45
C THR B 180 -7.17 1.93 -13.05
N LYS B 181 -6.30 1.38 -12.19
CA LYS B 181 -5.41 0.30 -12.57
C LYS B 181 -5.50 -0.82 -11.56
N VAL B 182 -5.97 -1.98 -12.05
CA VAL B 182 -6.02 -3.18 -11.25
C VAL B 182 -4.85 -4.08 -11.68
N THR B 183 -4.06 -4.49 -10.69
CA THR B 183 -2.93 -5.33 -11.02
C THR B 183 -3.08 -6.68 -10.31
N ILE B 184 -2.78 -7.74 -11.03
CA ILE B 184 -2.79 -9.10 -10.54
C ILE B 184 -1.40 -9.71 -10.75
N ARG B 185 -0.90 -10.31 -9.69
CA ARG B 185 0.41 -10.91 -9.67
C ARG B 185 0.21 -12.40 -9.38
N LEU B 186 0.73 -13.25 -10.27
CA LEU B 186 0.56 -14.70 -10.21
C LEU B 186 1.90 -15.36 -10.06
N PRO B 187 1.98 -16.43 -9.22
CA PRO B 187 3.25 -17.11 -8.95
C PRO B 187 3.87 -17.82 -10.15
N LEU B 188 3.08 -18.27 -11.14
CA LEU B 188 3.65 -19.05 -12.25
C LEU B 188 4.35 -20.34 -11.74
N THR B 189 3.65 -21.06 -10.85
CA THR B 189 4.07 -22.33 -10.27
C THR B 189 2.88 -22.90 -9.49
N9 ADZ C . 12.71 -3.35 12.88
C8 ADZ C . 11.85 -2.41 13.32
N7 ADZ C . 12.21 -1.17 13.03
C5 ADZ C . 13.36 -1.35 12.27
C6 ADZ C . 14.22 -0.41 11.69
N6 ADZ C . 13.98 0.90 11.79
N1 ADZ C . 15.24 -0.91 10.93
C2 ADZ C . 15.42 -2.24 10.87
N3 ADZ C . 14.71 -3.21 11.42
C4 ADZ C . 13.70 -2.68 12.16
C1' ADZ C . 12.53 -4.82 12.98
H8 ADZ C . 11.11 -2.61 13.88
H6N1 ADZ C . 13.28 1.18 12.24
H6N2 ADZ C . 14.54 1.48 11.42
H2 ADZ C . 16.18 -2.52 10.39
H1'1 ADZ C . 13.26 -5.27 12.51
H1'2 ADZ C . 11.69 -5.07 12.57
H1'3 ADZ C . 12.54 -5.08 13.91
N9 ADZ D . -15.19 0.16 -9.66
C8 ADZ D . -14.55 -1.01 -9.96
N7 ADZ D . -13.76 -0.94 -11.03
C5 ADZ D . -13.95 0.37 -11.43
C6 ADZ D . -13.40 1.04 -12.50
N6 ADZ D . -12.54 0.37 -13.31
N1 ADZ D . -13.71 2.37 -12.64
C2 ADZ D . -14.61 2.93 -11.82
N3 ADZ D . -15.27 2.36 -10.80
C4 ADZ D . -14.87 1.06 -10.66
C1' ADZ D . -16.12 0.33 -8.53
H8 ADZ D . -14.65 -1.79 -9.43
H6N1 ADZ D . -12.35 -0.46 -13.14
H6N2 ADZ D . -12.17 0.78 -13.99
H2 ADZ D . -14.84 3.83 -12.01
H1'1 ADZ D . -16.51 1.21 -8.57
H1'2 ADZ D . -15.65 0.22 -7.69
H1'3 ADZ D . -16.83 -0.33 -8.59
#